data_3FFL
#
_entry.id   3FFL
#
_cell.length_a   80.493
_cell.length_b   64.076
_cell.length_c   81.597
_cell.angle_alpha   90.00
_cell.angle_beta   95.23
_cell.angle_gamma   90.00
#
_symmetry.space_group_name_H-M   'P 1 21 1'
#
loop_
_entity.id
_entity.type
_entity.pdbx_description
1 polymer 'Anaphase-promoting complex subunit 7'
2 water water
#
_entity_poly.entity_id   1
_entity_poly.type   'polypeptide(L)'
_entity_poly.pdbx_seq_one_letter_code
;MGSSHHHHHHSSGLVPRGSHMNVIDHVRDMAAAGLHSNVRLLSSLLLTLSNNNPELFSPPQKYQLLVYHADSLFHDKEYR
NAVSKYTMALQQKKALSKTSKVRPSTGNSASTPQSQCLPSEIEVKYKLAECYTVLKQDKDAIAILDGIPSRQRTPKINML
LANLYKK
;
_entity_poly.pdbx_strand_id   A,B,C,D
#
# COMPACT_ATOMS: atom_id res chain seq x y z
N MET A 21 -7.08 1.37 24.71
CA MET A 21 -6.56 0.64 23.52
C MET A 21 -7.52 -0.43 23.00
N ASN A 22 -6.99 -1.38 22.24
CA ASN A 22 -7.81 -2.33 21.49
C ASN A 22 -7.11 -3.68 21.31
N VAL A 23 -7.89 -4.72 21.04
CA VAL A 23 -7.35 -6.07 20.88
C VAL A 23 -6.30 -6.15 19.76
N ILE A 24 -6.60 -5.53 18.62
CA ILE A 24 -5.68 -5.56 17.49
C ILE A 24 -4.45 -4.70 17.76
N ASP A 25 -4.66 -3.58 18.43
CA ASP A 25 -3.54 -2.76 18.90
C ASP A 25 -2.58 -3.65 19.68
N HIS A 26 -3.12 -4.44 20.59
CA HIS A 26 -2.31 -5.36 21.39
C HIS A 26 -1.59 -6.39 20.52
N VAL A 27 -2.23 -6.85 19.46
CA VAL A 27 -1.57 -7.78 18.55
C VAL A 27 -0.43 -7.11 17.81
N ARG A 28 -0.62 -5.84 17.44
CA ARG A 28 0.43 -5.11 16.75
C ARG A 28 1.60 -4.89 17.71
N ASP A 29 1.31 -4.53 18.96
CA ASP A 29 2.33 -4.40 19.98
C ASP A 29 3.12 -5.69 20.15
N MET A 30 2.42 -6.75 20.52
CA MET A 30 3.03 -8.05 20.67
C MET A 30 3.88 -8.36 19.45
N ALA A 31 3.37 -7.99 18.28
CA ALA A 31 4.13 -8.16 17.04
C ALA A 31 5.46 -7.43 17.18
N ALA A 32 5.38 -6.16 17.55
CA ALA A 32 6.56 -5.32 17.71
C ALA A 32 7.59 -6.02 18.60
N ALA A 33 7.18 -6.34 19.83
CA ALA A 33 8.05 -6.96 20.83
C ALA A 33 8.53 -8.34 20.39
N GLY A 34 8.03 -8.80 19.25
CA GLY A 34 8.50 -10.06 18.66
C GLY A 34 8.01 -11.32 19.36
N LEU A 35 6.87 -11.25 20.04
CA LEU A 35 6.23 -12.46 20.54
C LEU A 35 5.43 -13.12 19.42
N HIS A 36 6.12 -13.55 18.38
CA HIS A 36 5.49 -14.11 17.19
C HIS A 36 4.58 -15.28 17.55
N SER A 37 5.13 -16.23 18.28
CA SER A 37 4.36 -17.33 18.84
C SER A 37 2.97 -16.88 19.30
N ASN A 38 2.92 -15.92 20.21
CA ASN A 38 1.65 -15.39 20.72
C ASN A 38 0.77 -14.77 19.65
N VAL A 39 1.35 -13.92 18.82
CA VAL A 39 0.59 -13.27 17.75
C VAL A 39 -0.10 -14.33 16.90
N ARG A 40 0.62 -15.39 16.58
CA ARG A 40 0.07 -16.44 15.74
C ARG A 40 -1.19 -17.05 16.34
N LEU A 41 -1.05 -17.64 17.52
CA LEU A 41 -2.16 -18.34 18.17
C LEU A 41 -3.35 -17.41 18.44
N LEU A 42 -3.07 -16.16 18.76
CA LEU A 42 -4.13 -15.19 19.04
C LEU A 42 -4.81 -14.71 17.75
N SER A 43 -4.02 -14.24 16.80
CA SER A 43 -4.56 -13.77 15.52
C SER A 43 -5.38 -14.87 14.88
N SER A 44 -4.87 -16.10 14.96
CA SER A 44 -5.58 -17.27 14.45
C SER A 44 -6.96 -17.37 15.08
N LEU A 45 -6.99 -17.36 16.40
CA LEU A 45 -8.26 -17.39 17.12
C LEU A 45 -9.13 -16.17 16.76
N LEU A 46 -8.51 -15.00 16.70
CA LEU A 46 -9.23 -13.79 16.30
C LEU A 46 -9.84 -13.98 14.92
N LEU A 47 -9.07 -14.52 13.99
CA LEU A 47 -9.57 -14.76 12.64
C LEU A 47 -10.77 -15.70 12.65
N THR A 48 -10.66 -16.79 13.41
CA THR A 48 -11.77 -17.73 13.54
C THR A 48 -13.00 -16.99 14.04
N LEU A 49 -12.81 -16.16 15.05
CA LEU A 49 -13.90 -15.41 15.65
C LEU A 49 -14.48 -14.42 14.64
N SER A 50 -13.63 -13.88 13.78
CA SER A 50 -14.04 -12.89 12.80
C SER A 50 -14.94 -13.49 11.72
N ASN A 51 -14.61 -14.70 11.28
CA ASN A 51 -15.42 -15.38 10.27
C ASN A 51 -16.76 -15.82 10.81
N ASN A 52 -16.91 -15.78 12.14
CA ASN A 52 -18.15 -16.17 12.78
C ASN A 52 -18.94 -14.96 13.24
N ASN A 53 -18.22 -13.89 13.58
CA ASN A 53 -18.85 -12.63 13.93
C ASN A 53 -18.33 -11.51 13.04
N PRO A 54 -18.84 -11.45 11.79
CA PRO A 54 -18.40 -10.35 10.95
C PRO A 54 -18.73 -9.03 11.63
N GLU A 55 -17.94 -8.00 11.34
CA GLU A 55 -18.17 -6.68 11.91
C GLU A 55 -17.89 -6.62 13.41
N LEU A 56 -17.19 -7.63 13.92
CA LEU A 56 -16.58 -7.53 15.22
C LEU A 56 -15.36 -6.68 14.96
N PHE A 57 -14.91 -6.73 13.71
CA PHE A 57 -13.78 -5.95 13.24
C PHE A 57 -14.12 -5.20 11.97
N SER A 58 -13.55 -4.01 11.82
CA SER A 58 -13.74 -3.21 10.62
C SER A 58 -12.78 -3.69 9.54
N PRO A 59 -13.18 -3.52 8.27
CA PRO A 59 -12.36 -3.89 7.12
C PRO A 59 -10.88 -3.52 7.27
N PRO A 60 -10.58 -2.28 7.67
CA PRO A 60 -9.17 -1.98 7.93
C PRO A 60 -8.59 -2.90 8.99
N GLN A 61 -9.38 -3.20 10.02
CA GLN A 61 -8.91 -4.08 11.07
C GLN A 61 -8.64 -5.49 10.57
N LYS A 62 -9.51 -5.99 9.70
CA LYS A 62 -9.33 -7.31 9.14
C LYS A 62 -8.02 -7.42 8.35
N TYR A 63 -7.73 -6.39 7.56
CA TYR A 63 -6.48 -6.33 6.82
C TYR A 63 -5.30 -6.44 7.78
N GLN A 64 -5.29 -5.59 8.80
CA GLN A 64 -4.27 -5.65 9.86
C GLN A 64 -4.12 -7.07 10.39
N LEU A 65 -5.24 -7.67 10.76
CA LEU A 65 -5.22 -8.99 11.36
C LEU A 65 -4.51 -9.96 10.43
N LEU A 66 -4.92 -9.95 9.16
CA LEU A 66 -4.35 -10.86 8.18
C LEU A 66 -2.86 -10.64 8.03
N VAL A 67 -2.43 -9.40 7.94
CA VAL A 67 -1.01 -9.16 7.80
C VAL A 67 -0.26 -9.66 9.04
N TYR A 68 -0.72 -9.29 10.22
CA TYR A 68 -0.05 -9.73 11.43
C TYR A 68 0.04 -11.23 11.43
N HIS A 69 -1.06 -11.89 11.08
CA HIS A 69 -1.08 -13.34 11.10
C HIS A 69 -0.10 -13.91 10.08
N ALA A 70 -0.11 -13.38 8.87
CA ALA A 70 0.76 -13.90 7.83
C ALA A 70 2.23 -13.69 8.20
N ASP A 71 2.55 -12.49 8.70
CA ASP A 71 3.89 -12.19 9.18
C ASP A 71 4.28 -13.25 10.18
N SER A 72 3.36 -13.52 11.10
CA SER A 72 3.52 -14.57 12.08
C SER A 72 3.85 -15.89 11.38
N LEU A 73 2.97 -16.33 10.50
CA LEU A 73 3.18 -17.57 9.78
C LEU A 73 4.57 -17.59 9.16
N PHE A 74 4.93 -16.46 8.57
CA PHE A 74 6.21 -16.29 7.87
C PHE A 74 7.40 -16.51 8.79
N HIS A 75 7.44 -15.79 9.90
CA HIS A 75 8.54 -15.96 10.82
C HIS A 75 8.65 -17.43 11.22
N ASP A 76 7.51 -18.06 11.44
CA ASP A 76 7.47 -19.49 11.77
C ASP A 76 7.88 -20.36 10.58
N LYS A 77 8.08 -19.72 9.43
CA LYS A 77 8.62 -20.42 8.27
C LYS A 77 7.66 -21.42 7.64
N GLU A 78 6.36 -21.14 7.77
CA GLU A 78 5.34 -21.90 7.04
C GLU A 78 4.86 -21.06 5.87
N TYR A 79 5.60 -21.14 4.78
CA TYR A 79 5.49 -20.17 3.71
C TYR A 79 4.19 -20.29 2.90
N ARG A 80 3.74 -21.52 2.66
CA ARG A 80 2.53 -21.67 1.85
C ARG A 80 1.33 -21.08 2.57
N ASN A 81 1.28 -21.25 3.89
CA ASN A 81 0.21 -20.67 4.67
C ASN A 81 0.30 -19.15 4.63
N ALA A 82 1.50 -18.64 4.85
CA ALA A 82 1.73 -17.21 4.76
C ALA A 82 1.27 -16.70 3.40
N VAL A 83 1.61 -17.43 2.35
CA VAL A 83 1.24 -16.98 1.01
C VAL A 83 -0.26 -16.74 0.92
N SER A 84 -1.05 -17.69 1.39
CA SER A 84 -2.49 -17.58 1.21
C SER A 84 -3.03 -16.41 2.03
N LYS A 85 -2.50 -16.23 3.24
CA LYS A 85 -2.94 -15.13 4.09
C LYS A 85 -2.57 -13.79 3.46
N TYR A 86 -1.32 -13.67 3.05
CA TYR A 86 -0.88 -12.48 2.32
C TYR A 86 -1.82 -12.17 1.14
N THR A 87 -2.06 -13.13 0.26
CA THR A 87 -2.93 -12.85 -0.88
C THR A 87 -4.34 -12.48 -0.42
N MET A 88 -4.79 -13.09 0.68
CA MET A 88 -6.07 -12.72 1.23
C MET A 88 -6.02 -11.26 1.67
N ALA A 89 -4.91 -10.89 2.31
CA ALA A 89 -4.76 -9.54 2.82
C ALA A 89 -4.88 -8.54 1.67
N LEU A 90 -4.15 -8.81 0.60
CA LEU A 90 -4.15 -7.92 -0.56
C LEU A 90 -5.54 -7.75 -1.16
N GLN A 91 -6.31 -8.83 -1.17
CA GLN A 91 -7.69 -8.75 -1.60
C GLN A 91 -8.42 -7.72 -0.76
N GLN A 92 -8.31 -7.86 0.55
CA GLN A 92 -8.92 -6.93 1.49
C GLN A 92 -8.49 -5.50 1.20
N LYS A 93 -7.20 -5.33 0.92
CA LYS A 93 -6.65 -4.00 0.66
C LYS A 93 -7.35 -3.34 -0.53
N LYS A 94 -7.70 -4.14 -1.54
CA LYS A 94 -8.41 -3.63 -2.70
C LYS A 94 -9.69 -2.88 -2.31
N ALA A 95 -10.45 -3.43 -1.36
CA ALA A 95 -11.62 -2.75 -0.85
C ALA A 95 -11.21 -1.48 -0.11
N LEU A 96 -12.15 -0.55 0.05
CA LEU A 96 -11.86 0.73 0.68
C LEU A 96 -13.06 1.23 1.46
N CYS A 117 -1.07 4.51 8.40
CA CYS A 117 -0.17 3.75 9.26
C CYS A 117 -0.57 2.28 9.37
N LEU A 118 -1.36 1.83 8.39
CA LEU A 118 -1.66 0.41 8.26
C LEU A 118 -0.49 -0.20 7.52
N PRO A 119 -0.32 -1.53 7.61
CA PRO A 119 0.77 -2.14 6.87
C PRO A 119 0.73 -1.72 5.41
N SER A 120 1.88 -1.33 4.86
CA SER A 120 1.93 -0.89 3.48
C SER A 120 1.68 -2.07 2.54
N GLU A 121 0.88 -1.81 1.52
CA GLU A 121 0.65 -2.76 0.45
C GLU A 121 2.01 -3.25 -0.06
N ILE A 122 2.92 -2.30 -0.25
CA ILE A 122 4.22 -2.58 -0.80
C ILE A 122 5.04 -3.48 0.13
N GLU A 123 4.87 -3.32 1.44
CA GLU A 123 5.56 -4.16 2.40
C GLU A 123 5.05 -5.60 2.30
N VAL A 124 3.74 -5.73 2.12
CA VAL A 124 3.14 -7.05 2.00
C VAL A 124 3.63 -7.74 0.74
N LYS A 125 3.52 -7.06 -0.40
CA LYS A 125 3.98 -7.64 -1.65
C LYS A 125 5.41 -8.13 -1.53
N TYR A 126 6.25 -7.35 -0.87
CA TYR A 126 7.64 -7.75 -0.73
C TYR A 126 7.74 -9.13 -0.07
N LYS A 127 7.10 -9.27 1.09
CA LYS A 127 7.16 -10.53 1.83
C LYS A 127 6.50 -11.65 1.03
N LEU A 128 5.39 -11.33 0.39
CA LEU A 128 4.78 -12.29 -0.50
C LEU A 128 5.84 -12.81 -1.46
N ALA A 129 6.53 -11.89 -2.13
CA ALA A 129 7.58 -12.25 -3.06
C ALA A 129 8.60 -13.17 -2.40
N GLU A 130 8.94 -12.87 -1.15
CA GLU A 130 9.89 -13.70 -0.42
C GLU A 130 9.38 -15.12 -0.26
N CYS A 131 8.14 -15.26 0.20
CA CYS A 131 7.54 -16.58 0.33
C CYS A 131 7.68 -17.36 -0.97
N TYR A 132 7.20 -16.77 -2.07
CA TYR A 132 7.26 -17.43 -3.35
C TYR A 132 8.68 -17.88 -3.67
N THR A 133 9.66 -17.05 -3.33
CA THR A 133 11.05 -17.34 -3.67
C THR A 133 11.53 -18.60 -2.96
N VAL A 134 11.29 -18.65 -1.65
CA VAL A 134 11.67 -19.82 -0.87
C VAL A 134 10.95 -21.05 -1.40
N LEU A 135 9.73 -20.87 -1.89
CA LEU A 135 8.94 -21.97 -2.41
C LEU A 135 9.36 -22.32 -3.83
N LYS A 136 10.33 -21.57 -4.34
CA LYS A 136 10.83 -21.80 -5.68
C LYS A 136 9.83 -21.46 -6.77
N GLN A 137 8.90 -20.57 -6.46
CA GLN A 137 7.99 -20.03 -7.46
C GLN A 137 8.47 -18.60 -7.75
N ASP A 138 9.39 -18.48 -8.72
CA ASP A 138 10.01 -17.21 -9.05
C ASP A 138 9.09 -16.48 -10.03
N LYS A 139 8.49 -17.21 -10.95
CA LYS A 139 7.49 -16.63 -11.82
C LYS A 139 6.53 -15.77 -10.99
N ASP A 140 6.12 -16.28 -9.84
CA ASP A 140 5.13 -15.61 -9.01
C ASP A 140 5.74 -14.48 -8.18
N ALA A 141 6.96 -14.68 -7.70
CA ALA A 141 7.62 -13.65 -6.96
C ALA A 141 7.81 -12.48 -7.91
N ILE A 142 8.35 -12.77 -9.08
CA ILE A 142 8.59 -11.70 -10.04
C ILE A 142 7.29 -10.96 -10.32
N ALA A 143 6.23 -11.70 -10.59
CA ALA A 143 4.96 -11.09 -10.94
C ALA A 143 4.53 -10.01 -9.92
N ILE A 144 4.51 -10.35 -8.63
CA ILE A 144 3.95 -9.42 -7.66
C ILE A 144 4.78 -8.17 -7.58
N LEU A 145 6.09 -8.33 -7.68
CA LEU A 145 6.99 -7.19 -7.55
C LEU A 145 6.88 -6.33 -8.80
N ASP A 146 6.94 -6.99 -9.96
CA ASP A 146 6.89 -6.30 -11.23
C ASP A 146 5.61 -5.49 -11.33
N GLY A 147 4.57 -5.96 -10.65
CA GLY A 147 3.28 -5.29 -10.71
C GLY A 147 3.26 -3.98 -9.94
N ILE A 148 4.31 -3.75 -9.16
CA ILE A 148 4.47 -2.48 -8.46
C ILE A 148 5.02 -1.42 -9.41
N PRO A 149 4.29 -0.31 -9.56
CA PRO A 149 4.76 0.77 -10.41
C PRO A 149 6.23 1.07 -10.14
N SER A 150 7.01 1.20 -11.20
CA SER A 150 8.45 1.36 -11.07
C SER A 150 8.81 2.49 -10.10
N ARG A 151 8.13 3.61 -10.20
CA ARG A 151 8.44 4.74 -9.33
C ARG A 151 8.18 4.45 -7.85
N GLN A 152 7.38 3.44 -7.57
CA GLN A 152 7.03 3.12 -6.19
C GLN A 152 7.91 2.02 -5.58
N ARG A 153 8.81 1.46 -6.38
CA ARG A 153 9.64 0.36 -5.91
C ARG A 153 10.76 0.87 -5.00
N THR A 154 11.00 0.15 -3.90
CA THR A 154 12.01 0.54 -2.93
C THR A 154 13.34 -0.13 -3.26
N PRO A 155 14.43 0.39 -2.70
CA PRO A 155 15.74 -0.23 -2.93
C PRO A 155 15.68 -1.72 -2.63
N LYS A 156 15.12 -2.07 -1.48
CA LYS A 156 15.00 -3.46 -1.09
C LYS A 156 14.29 -4.25 -2.18
N ILE A 157 13.17 -3.71 -2.67
CA ILE A 157 12.37 -4.40 -3.67
C ILE A 157 13.12 -4.55 -4.98
N ASN A 158 14.02 -3.62 -5.27
CA ASN A 158 14.81 -3.70 -6.49
C ASN A 158 15.92 -4.72 -6.39
N MET A 159 16.47 -4.88 -5.18
CA MET A 159 17.47 -5.93 -4.97
C MET A 159 16.86 -7.28 -5.28
N LEU A 160 15.73 -7.57 -4.63
CA LEU A 160 15.08 -8.86 -4.84
C LEU A 160 14.89 -9.13 -6.33
N LEU A 161 14.15 -8.24 -6.99
CA LEU A 161 13.95 -8.35 -8.43
C LEU A 161 15.27 -8.69 -9.10
N ALA A 162 16.26 -7.82 -8.94
CA ALA A 162 17.55 -8.03 -9.56
C ALA A 162 17.99 -9.48 -9.40
N ASN A 163 17.97 -9.97 -8.17
CA ASN A 163 18.34 -11.36 -7.91
C ASN A 163 17.50 -12.33 -8.72
N LEU A 164 16.18 -12.11 -8.73
CA LEU A 164 15.26 -12.99 -9.44
C LEU A 164 15.56 -13.10 -10.92
N TYR A 165 16.06 -12.02 -11.49
CA TYR A 165 16.46 -12.01 -12.89
C TYR A 165 17.78 -12.74 -13.07
N LYS A 166 17.79 -14.04 -12.76
CA LYS A 166 19.01 -14.84 -12.85
C LYS A 166 18.72 -16.32 -13.11
N MET B 21 -0.44 17.29 -37.08
CA MET B 21 -0.19 16.09 -36.22
C MET B 21 1.30 15.90 -35.92
N ASN B 22 2.01 17.00 -35.71
CA ASN B 22 3.40 16.94 -35.29
C ASN B 22 3.53 16.27 -33.93
N VAL B 23 2.39 15.97 -33.32
CA VAL B 23 2.36 15.38 -31.99
C VAL B 23 2.98 14.00 -32.01
N ILE B 24 2.50 13.15 -32.91
CA ILE B 24 3.00 11.80 -33.03
C ILE B 24 4.47 11.81 -33.41
N ASP B 25 4.81 12.60 -34.43
CA ASP B 25 6.19 12.72 -34.86
C ASP B 25 7.05 13.01 -33.63
N HIS B 26 6.73 14.09 -32.92
CA HIS B 26 7.53 14.47 -31.78
C HIS B 26 7.82 13.27 -30.88
N VAL B 27 6.78 12.62 -30.39
CA VAL B 27 6.99 11.47 -29.52
C VAL B 27 7.76 10.37 -30.23
N ARG B 28 7.52 10.21 -31.53
CA ARG B 28 8.29 9.26 -32.31
C ARG B 28 9.77 9.61 -32.20
N ASP B 29 10.05 10.90 -32.22
CA ASP B 29 11.42 11.39 -32.16
C ASP B 29 12.02 11.30 -30.75
N MET B 30 11.17 11.44 -29.74
CA MET B 30 11.62 11.32 -28.36
C MET B 30 12.03 9.88 -28.11
N ALA B 31 11.17 8.96 -28.54
CA ALA B 31 11.41 7.53 -28.37
C ALA B 31 12.69 7.10 -29.07
N ALA B 32 12.92 7.65 -30.26
CA ALA B 32 14.10 7.30 -31.05
C ALA B 32 15.38 7.89 -30.50
N ALA B 33 15.25 8.86 -29.59
CA ALA B 33 16.41 9.45 -28.93
C ALA B 33 16.67 8.77 -27.59
N GLY B 34 15.79 7.85 -27.21
CA GLY B 34 15.96 7.08 -25.99
C GLY B 34 15.46 7.77 -24.74
N LEU B 35 14.78 8.90 -24.90
CA LEU B 35 14.26 9.66 -23.78
C LEU B 35 12.87 9.17 -23.38
N HIS B 36 12.82 8.00 -22.74
CA HIS B 36 11.57 7.33 -22.48
C HIS B 36 10.70 8.01 -21.42
N SER B 37 11.34 8.54 -20.38
CA SER B 37 10.60 9.24 -19.34
C SER B 37 9.55 10.15 -19.96
N ASN B 38 9.98 11.03 -20.87
CA ASN B 38 9.07 11.94 -21.55
C ASN B 38 8.04 11.22 -22.40
N VAL B 39 8.50 10.24 -23.18
CA VAL B 39 7.60 9.43 -23.99
C VAL B 39 6.48 8.86 -23.12
N ARG B 40 6.88 8.20 -22.04
CA ARG B 40 5.90 7.52 -21.19
C ARG B 40 4.81 8.48 -20.72
N LEU B 41 5.22 9.50 -19.99
CA LEU B 41 4.28 10.43 -19.40
C LEU B 41 3.33 10.95 -20.47
N LEU B 42 3.92 11.30 -21.61
CA LEU B 42 3.21 11.95 -22.69
C LEU B 42 2.30 11.00 -23.46
N SER B 43 2.87 9.86 -23.86
CA SER B 43 2.16 8.91 -24.70
C SER B 43 0.90 8.36 -24.04
N SER B 44 0.90 8.32 -22.71
CA SER B 44 -0.26 7.83 -21.97
C SER B 44 -1.38 8.87 -21.93
N LEU B 45 -1.03 10.14 -21.77
CA LEU B 45 -2.03 11.19 -21.84
C LEU B 45 -2.67 11.20 -23.22
N LEU B 46 -1.83 11.18 -24.25
CA LEU B 46 -2.35 11.11 -25.60
C LEU B 46 -3.27 9.90 -25.70
N LEU B 47 -2.81 8.78 -25.17
CA LEU B 47 -3.60 7.56 -25.20
C LEU B 47 -4.99 7.74 -24.57
N THR B 48 -5.06 8.34 -23.38
CA THR B 48 -6.36 8.44 -22.72
C THR B 48 -7.24 9.44 -23.45
N LEU B 49 -6.62 10.41 -24.10
CA LEU B 49 -7.35 11.37 -24.92
C LEU B 49 -7.99 10.66 -26.11
N SER B 50 -7.25 9.72 -26.68
CA SER B 50 -7.77 8.90 -27.76
C SER B 50 -8.98 8.10 -27.28
N ASN B 51 -8.77 7.28 -26.26
CA ASN B 51 -9.84 6.48 -25.67
C ASN B 51 -11.18 7.20 -25.67
N ASN B 52 -11.16 8.48 -25.31
CA ASN B 52 -12.39 9.27 -25.22
C ASN B 52 -12.91 9.67 -26.59
N ASN B 53 -12.04 10.27 -27.40
CA ASN B 53 -12.39 10.69 -28.74
C ASN B 53 -11.65 9.84 -29.78
N PRO B 54 -12.17 8.64 -30.06
CA PRO B 54 -11.44 7.68 -30.88
C PRO B 54 -11.38 8.12 -32.33
N GLU B 55 -11.87 9.32 -32.63
CA GLU B 55 -11.81 9.85 -33.97
C GLU B 55 -10.85 11.04 -34.01
N LEU B 56 -10.11 11.20 -32.92
CA LEU B 56 -9.06 12.21 -32.84
C LEU B 56 -7.87 11.77 -33.68
N PHE B 57 -7.38 10.56 -33.40
CA PHE B 57 -6.26 10.01 -34.15
C PHE B 57 -6.71 8.90 -35.10
N SER B 58 -5.87 8.61 -36.08
CA SER B 58 -6.14 7.55 -37.03
C SER B 58 -5.60 6.22 -36.52
N PRO B 59 -6.30 5.13 -36.85
CA PRO B 59 -5.91 3.78 -36.47
C PRO B 59 -4.39 3.58 -36.52
N PRO B 60 -3.74 3.98 -37.63
CA PRO B 60 -2.29 3.81 -37.68
C PRO B 60 -1.56 4.70 -36.67
N GLN B 61 -2.17 5.82 -36.31
CA GLN B 61 -1.60 6.69 -35.28
C GLN B 61 -1.71 6.07 -33.90
N LYS B 62 -2.88 5.53 -33.59
CA LYS B 62 -3.08 4.86 -32.31
C LYS B 62 -2.10 3.70 -32.16
N TYR B 63 -1.88 2.97 -33.24
CA TYR B 63 -0.95 1.85 -33.20
C TYR B 63 0.40 2.34 -32.72
N GLN B 64 0.82 3.48 -33.24
CA GLN B 64 2.11 4.06 -32.87
C GLN B 64 2.18 4.40 -31.39
N LEU B 65 1.17 5.09 -30.88
CA LEU B 65 1.15 5.44 -29.47
C LEU B 65 1.28 4.19 -28.61
N LEU B 66 0.46 3.18 -28.89
CA LEU B 66 0.53 1.95 -28.10
C LEU B 66 1.97 1.48 -28.02
N VAL B 67 2.59 1.27 -29.18
CA VAL B 67 3.95 0.75 -29.21
C VAL B 67 4.94 1.63 -28.44
N TYR B 68 4.94 2.93 -28.74
CA TYR B 68 5.87 3.83 -28.07
C TYR B 68 5.68 3.78 -26.57
N HIS B 69 4.43 3.70 -26.14
CA HIS B 69 4.12 3.60 -24.72
C HIS B 69 4.64 2.29 -24.17
N ALA B 70 4.32 1.19 -24.83
CA ALA B 70 4.82 -0.11 -24.41
C ALA B 70 6.32 -0.04 -24.25
N ASP B 71 6.99 0.47 -25.27
CA ASP B 71 8.44 0.64 -25.25
C ASP B 71 8.91 1.39 -24.00
N SER B 72 8.25 2.49 -23.68
CA SER B 72 8.62 3.24 -22.48
C SER B 72 8.36 2.40 -21.23
N LEU B 73 7.20 1.74 -21.18
CA LEU B 73 6.92 0.86 -20.06
C LEU B 73 8.03 -0.17 -19.91
N PHE B 74 8.40 -0.80 -21.01
CA PHE B 74 9.45 -1.81 -21.02
C PHE B 74 10.77 -1.24 -20.49
N HIS B 75 11.15 -0.07 -20.98
CA HIS B 75 12.39 0.56 -20.52
C HIS B 75 12.40 0.78 -19.02
N ASP B 76 11.23 1.14 -18.48
CA ASP B 76 11.09 1.38 -17.04
C ASP B 76 10.99 0.07 -16.26
N LYS B 77 11.01 -1.04 -16.98
CA LYS B 77 11.02 -2.35 -16.33
C LYS B 77 9.68 -2.68 -15.67
N GLU B 78 8.60 -2.26 -16.29
CA GLU B 78 7.26 -2.70 -15.92
C GLU B 78 6.79 -3.64 -17.02
N TYR B 79 7.26 -4.88 -16.95
CA TYR B 79 7.13 -5.82 -18.05
C TYR B 79 5.70 -6.28 -18.27
N ARG B 80 4.97 -6.53 -17.18
CA ARG B 80 3.58 -6.97 -17.29
C ARG B 80 2.71 -5.89 -17.93
N ASN B 81 2.87 -4.66 -17.47
CA ASN B 81 2.20 -3.53 -18.10
C ASN B 81 2.55 -3.39 -19.59
N ALA B 82 3.84 -3.56 -19.91
CA ALA B 82 4.26 -3.51 -21.29
C ALA B 82 3.55 -4.59 -22.09
N VAL B 83 3.49 -5.79 -21.55
CA VAL B 83 2.87 -6.91 -22.26
C VAL B 83 1.49 -6.54 -22.75
N SER B 84 0.70 -5.91 -21.89
CA SER B 84 -0.70 -5.67 -22.23
C SER B 84 -0.84 -4.52 -23.24
N LYS B 85 0.15 -3.65 -23.30
CA LYS B 85 0.18 -2.61 -24.34
C LYS B 85 0.60 -3.19 -25.69
N TYR B 86 1.69 -3.94 -25.71
CA TYR B 86 2.10 -4.62 -26.94
C TYR B 86 0.98 -5.51 -27.46
N THR B 87 0.27 -6.15 -26.55
CA THR B 87 -0.84 -7.01 -26.94
C THR B 87 -1.93 -6.16 -27.60
N MET B 88 -2.30 -5.05 -26.97
CA MET B 88 -3.30 -4.16 -27.55
C MET B 88 -2.80 -3.64 -28.90
N ALA B 89 -1.50 -3.41 -28.98
CA ALA B 89 -0.90 -2.87 -30.19
C ALA B 89 -1.00 -3.86 -31.36
N LEU B 90 -0.86 -5.14 -31.07
CA LEU B 90 -0.96 -6.16 -32.11
C LEU B 90 -2.40 -6.34 -32.59
N GLN B 91 -3.35 -6.25 -31.65
CA GLN B 91 -4.75 -6.29 -32.02
C GLN B 91 -5.04 -5.18 -33.02
N GLN B 92 -4.44 -4.02 -32.79
CA GLN B 92 -4.68 -2.84 -33.62
C GLN B 92 -4.02 -3.01 -34.99
N LYS B 93 -2.80 -3.55 -34.99
CA LYS B 93 -2.07 -3.77 -36.21
C LYS B 93 -2.87 -4.65 -37.16
N LYS B 94 -3.66 -5.56 -36.60
CA LYS B 94 -4.47 -6.46 -37.40
C LYS B 94 -5.78 -5.83 -37.85
N ALA B 95 -6.04 -4.60 -37.40
CA ALA B 95 -7.21 -3.88 -37.84
C ALA B 95 -6.89 -2.97 -39.04
N LEU B 96 -5.67 -3.10 -39.55
CA LEU B 96 -5.22 -2.24 -40.65
C LEU B 96 -5.16 -3.02 -41.96
N CYS B 117 7.64 3.12 -41.43
CA CYS B 117 7.64 3.93 -40.21
C CYS B 117 6.90 3.17 -39.13
N LEU B 118 5.72 2.67 -39.45
CA LEU B 118 4.95 1.90 -38.47
C LEU B 118 5.82 0.74 -37.98
N PRO B 119 6.10 0.71 -36.68
CA PRO B 119 6.87 -0.41 -36.16
C PRO B 119 6.32 -1.73 -36.70
N SER B 120 7.19 -2.62 -37.14
CA SER B 120 6.77 -3.87 -37.77
C SER B 120 6.27 -4.91 -36.78
N GLU B 121 5.19 -5.58 -37.15
CA GLU B 121 4.61 -6.66 -36.38
C GLU B 121 5.69 -7.53 -35.71
N ILE B 122 6.70 -7.91 -36.47
CA ILE B 122 7.75 -8.79 -35.96
C ILE B 122 8.52 -8.18 -34.79
N GLU B 123 8.99 -6.95 -34.96
CA GLU B 123 9.81 -6.35 -33.91
C GLU B 123 8.99 -6.11 -32.64
N VAL B 124 7.70 -5.86 -32.81
CA VAL B 124 6.80 -5.78 -31.65
C VAL B 124 6.67 -7.15 -31.00
N LYS B 125 6.38 -8.17 -31.81
CA LYS B 125 6.30 -9.52 -31.30
C LYS B 125 7.58 -9.87 -30.54
N TYR B 126 8.71 -9.41 -31.05
CA TYR B 126 9.97 -9.72 -30.40
C TYR B 126 10.05 -9.12 -29.01
N LYS B 127 9.76 -7.84 -28.90
CA LYS B 127 9.79 -7.20 -27.59
C LYS B 127 8.79 -7.87 -26.68
N LEU B 128 7.62 -8.18 -27.23
CA LEU B 128 6.60 -8.89 -26.46
C LEU B 128 7.20 -10.17 -25.88
N ALA B 129 7.92 -10.91 -26.70
CA ALA B 129 8.58 -12.12 -26.24
C ALA B 129 9.62 -11.83 -25.17
N GLU B 130 10.32 -10.72 -25.32
CA GLU B 130 11.33 -10.35 -24.35
C GLU B 130 10.71 -10.14 -22.98
N CYS B 131 9.55 -9.48 -22.98
CA CYS B 131 8.83 -9.24 -21.73
C CYS B 131 8.48 -10.56 -21.10
N TYR B 132 7.86 -11.43 -21.88
CA TYR B 132 7.46 -12.74 -21.36
C TYR B 132 8.66 -13.46 -20.80
N THR B 133 9.80 -13.35 -21.48
CA THR B 133 10.99 -14.08 -21.06
C THR B 133 11.46 -13.60 -19.69
N VAL B 134 11.45 -12.29 -19.50
CA VAL B 134 11.90 -11.72 -18.24
C VAL B 134 10.97 -12.11 -17.09
N LEU B 135 9.68 -12.18 -17.39
CA LEU B 135 8.67 -12.64 -16.43
C LEU B 135 8.74 -14.16 -16.24
N LYS B 136 9.71 -14.79 -16.88
CA LYS B 136 9.87 -16.23 -16.76
C LYS B 136 8.59 -16.94 -17.21
N GLN B 137 7.88 -16.29 -18.10
CA GLN B 137 6.69 -16.87 -18.71
C GLN B 137 7.03 -17.47 -20.06
N ASP B 138 7.84 -18.53 -20.05
CA ASP B 138 8.43 -19.08 -21.27
C ASP B 138 7.43 -19.62 -22.29
N LYS B 139 6.30 -20.14 -21.82
CA LYS B 139 5.30 -20.71 -22.71
C LYS B 139 4.71 -19.65 -23.65
N ASP B 140 4.45 -18.45 -23.10
CA ASP B 140 3.84 -17.39 -23.87
C ASP B 140 4.87 -16.74 -24.78
N ALA B 141 6.12 -16.69 -24.32
CA ALA B 141 7.20 -16.21 -25.16
C ALA B 141 7.33 -17.11 -26.40
N ILE B 142 7.54 -18.40 -26.17
CA ILE B 142 7.69 -19.33 -27.28
C ILE B 142 6.52 -19.22 -28.25
N ALA B 143 5.31 -19.16 -27.73
CA ALA B 143 4.11 -19.16 -28.56
C ALA B 143 4.18 -18.03 -29.57
N ILE B 144 4.49 -16.84 -29.07
CA ILE B 144 4.56 -15.66 -29.90
C ILE B 144 5.66 -15.75 -30.96
N LEU B 145 6.81 -16.28 -30.59
CA LEU B 145 7.92 -16.38 -31.53
C LEU B 145 7.70 -17.54 -32.50
N ASP B 146 7.34 -18.70 -31.97
CA ASP B 146 7.08 -19.84 -32.83
C ASP B 146 6.00 -19.50 -33.84
N GLY B 147 5.24 -18.44 -33.58
CA GLY B 147 4.13 -18.06 -34.45
C GLY B 147 4.59 -17.28 -35.67
N ILE B 148 5.81 -16.78 -35.59
CA ILE B 148 6.41 -16.12 -36.73
C ILE B 148 6.98 -17.18 -37.67
N PRO B 149 6.48 -17.20 -38.91
CA PRO B 149 6.99 -18.15 -39.91
C PRO B 149 8.51 -18.18 -39.89
N SER B 150 9.08 -19.37 -40.06
CA SER B 150 10.53 -19.52 -40.06
C SER B 150 11.18 -18.52 -41.02
N ARG B 151 10.67 -18.48 -42.24
CA ARG B 151 11.21 -17.59 -43.27
C ARG B 151 11.46 -16.18 -42.76
N GLN B 152 10.58 -15.70 -41.87
CA GLN B 152 10.62 -14.31 -41.45
C GLN B 152 11.35 -14.09 -40.14
N ARG B 153 11.91 -15.16 -39.58
CA ARG B 153 12.58 -15.06 -38.28
C ARG B 153 13.98 -14.46 -38.43
N THR B 154 14.25 -13.43 -37.63
CA THR B 154 15.53 -12.74 -37.62
C THR B 154 16.50 -13.44 -36.68
N PRO B 155 17.82 -13.21 -36.88
CA PRO B 155 18.78 -13.79 -35.96
C PRO B 155 18.40 -13.49 -34.52
N LYS B 156 18.16 -12.22 -34.22
CA LYS B 156 17.68 -11.81 -32.89
C LYS B 156 16.63 -12.80 -32.37
N ILE B 157 15.60 -13.00 -33.17
CA ILE B 157 14.50 -13.85 -32.76
C ILE B 157 14.98 -15.28 -32.58
N ASN B 158 15.74 -15.77 -33.54
CA ASN B 158 16.24 -17.13 -33.46
C ASN B 158 17.16 -17.36 -32.27
N MET B 159 17.92 -16.34 -31.89
CA MET B 159 18.77 -16.40 -30.72
C MET B 159 17.88 -16.60 -29.48
N LEU B 160 16.81 -15.82 -29.40
CA LEU B 160 15.91 -15.88 -28.25
C LEU B 160 15.25 -17.25 -28.13
N LEU B 161 14.73 -17.77 -29.24
CA LEU B 161 14.11 -19.08 -29.24
C LEU B 161 15.07 -20.14 -28.69
N ALA B 162 16.27 -20.18 -29.22
CA ALA B 162 17.25 -21.19 -28.84
C ALA B 162 17.45 -21.21 -27.33
N ASN B 163 17.41 -20.03 -26.72
CA ASN B 163 17.59 -19.89 -25.28
C ASN B 163 16.35 -20.37 -24.55
N LEU B 164 15.20 -20.07 -25.13
CA LEU B 164 13.95 -20.48 -24.53
C LEU B 164 13.82 -22.00 -24.54
N TYR B 165 14.52 -22.64 -25.47
CA TYR B 165 14.44 -24.10 -25.59
C TYR B 165 15.34 -24.86 -24.64
N LYS B 166 16.30 -24.19 -24.01
CA LYS B 166 17.25 -24.87 -23.12
C LYS B 166 16.61 -25.27 -21.79
N ASN C 22 -3.37 -26.47 21.30
CA ASN C 22 -4.01 -25.15 20.97
C ASN C 22 -3.65 -24.06 21.97
N VAL C 23 -4.45 -22.99 21.98
CA VAL C 23 -4.15 -21.78 22.73
C VAL C 23 -3.93 -22.01 24.24
N ILE C 24 -4.94 -22.56 24.90
CA ILE C 24 -4.85 -22.75 26.35
C ILE C 24 -3.62 -23.58 26.69
N ASP C 25 -3.41 -24.65 25.94
CA ASP C 25 -2.23 -25.48 26.12
C ASP C 25 -0.97 -24.62 26.07
N HIS C 26 -0.93 -23.70 25.13
CA HIS C 26 0.24 -22.86 24.95
C HIS C 26 0.51 -22.00 26.18
N VAL C 27 -0.52 -21.32 26.67
CA VAL C 27 -0.37 -20.53 27.88
C VAL C 27 0.21 -21.40 29.00
N ARG C 28 -0.28 -22.63 29.10
CA ARG C 28 0.21 -23.56 30.12
C ARG C 28 1.73 -23.68 30.04
N ASP C 29 2.21 -24.01 28.85
CA ASP C 29 3.63 -24.22 28.62
C ASP C 29 4.49 -23.02 29.00
N MET C 30 4.01 -21.81 28.71
CA MET C 30 4.78 -20.62 29.02
C MET C 30 4.86 -20.47 30.53
N ALA C 31 3.75 -20.73 31.20
CA ALA C 31 3.68 -20.69 32.65
C ALA C 31 4.70 -21.66 33.24
N ALA C 32 4.57 -22.93 32.87
CA ALA C 32 5.54 -23.93 33.31
C ALA C 32 6.96 -23.45 33.04
N ALA C 33 7.19 -22.91 31.85
CA ALA C 33 8.51 -22.43 31.47
C ALA C 33 8.98 -21.33 32.41
N GLY C 34 8.02 -20.72 33.12
CA GLY C 34 8.34 -19.63 34.03
C GLY C 34 8.32 -18.28 33.35
N LEU C 35 7.74 -18.24 32.14
CA LEU C 35 7.67 -17.03 31.33
C LEU C 35 6.41 -16.31 31.78
N HIS C 36 6.48 -15.62 32.91
CA HIS C 36 5.28 -15.12 33.59
C HIS C 36 4.79 -13.77 33.07
N SER C 37 5.67 -12.79 33.03
CA SER C 37 5.33 -11.48 32.51
C SER C 37 4.80 -11.67 31.10
N ASN C 38 5.15 -12.82 30.53
CA ASN C 38 4.71 -13.22 29.22
C ASN C 38 3.23 -13.63 29.22
N VAL C 39 2.88 -14.60 30.06
CA VAL C 39 1.52 -15.13 30.07
C VAL C 39 0.50 -14.12 30.58
N ARG C 40 0.96 -13.14 31.36
CA ARG C 40 0.03 -12.17 31.91
C ARG C 40 -0.67 -11.42 30.78
N LEU C 41 0.13 -10.83 29.89
CA LEU C 41 -0.43 -10.09 28.77
C LEU C 41 -1.44 -10.94 28.02
N LEU C 42 -1.00 -12.11 27.56
CA LEU C 42 -1.84 -12.99 26.78
C LEU C 42 -3.11 -13.42 27.52
N SER C 43 -2.93 -14.14 28.62
CA SER C 43 -4.06 -14.65 29.39
C SER C 43 -5.07 -13.54 29.66
N SER C 44 -4.57 -12.33 29.91
CA SER C 44 -5.43 -11.19 30.13
C SER C 44 -6.35 -10.95 28.93
N LEU C 45 -5.74 -10.79 27.76
CA LEU C 45 -6.50 -10.57 26.53
C LEU C 45 -7.48 -11.69 26.26
N LEU C 46 -7.04 -12.92 26.54
CA LEU C 46 -7.89 -14.08 26.35
C LEU C 46 -9.08 -14.03 27.29
N LEU C 47 -8.82 -13.68 28.55
CA LEU C 47 -9.89 -13.54 29.52
C LEU C 47 -10.96 -12.56 29.04
N THR C 48 -10.55 -11.35 28.67
CA THR C 48 -11.52 -10.35 28.23
C THR C 48 -12.29 -10.86 27.01
N LEU C 49 -11.60 -11.53 26.10
CA LEU C 49 -12.26 -12.13 24.95
C LEU C 49 -13.29 -13.15 25.39
N SER C 50 -12.86 -14.08 26.25
CA SER C 50 -13.75 -15.11 26.75
C SER C 50 -15.02 -14.49 27.32
N ASN C 51 -14.86 -13.52 28.20
CA ASN C 51 -15.99 -12.85 28.82
C ASN C 51 -17.01 -12.38 27.79
N ASN C 52 -16.50 -11.83 26.68
CA ASN C 52 -17.37 -11.33 25.63
C ASN C 52 -17.94 -12.44 24.73
N ASN C 53 -17.29 -13.59 24.73
CA ASN C 53 -17.80 -14.75 24.00
C ASN C 53 -17.95 -15.93 24.95
N PRO C 54 -18.97 -15.86 25.83
CA PRO C 54 -19.07 -16.81 26.92
C PRO C 54 -19.06 -18.23 26.38
N GLU C 55 -19.23 -18.36 25.07
CA GLU C 55 -19.29 -19.68 24.44
C GLU C 55 -18.04 -19.98 23.62
N LEU C 56 -17.06 -19.08 23.71
CA LEU C 56 -15.82 -19.27 22.99
C LEU C 56 -15.00 -20.38 23.63
N PHE C 57 -15.01 -20.42 24.96
CA PHE C 57 -14.20 -21.39 25.70
C PHE C 57 -15.03 -22.31 26.58
N SER C 58 -14.57 -23.55 26.70
CA SER C 58 -15.17 -24.51 27.61
C SER C 58 -15.07 -24.00 29.03
N PRO C 59 -16.09 -24.28 29.84
CA PRO C 59 -15.97 -24.06 31.28
C PRO C 59 -14.62 -24.53 31.83
N PRO C 60 -14.18 -25.76 31.45
CA PRO C 60 -12.89 -26.21 31.95
C PRO C 60 -11.74 -25.32 31.49
N GLN C 61 -11.79 -24.84 30.25
CA GLN C 61 -10.73 -23.97 29.75
C GLN C 61 -10.77 -22.61 30.43
N LYS C 62 -11.96 -22.10 30.67
CA LYS C 62 -12.08 -20.84 31.39
C LYS C 62 -11.34 -20.97 32.71
N TYR C 63 -11.58 -22.08 33.41
CA TYR C 63 -10.93 -22.32 34.69
C TYR C 63 -9.43 -22.22 34.55
N GLN C 64 -8.87 -22.93 33.58
CA GLN C 64 -7.43 -22.88 33.34
C GLN C 64 -6.95 -21.45 33.17
N LEU C 65 -7.56 -20.73 32.23
CA LEU C 65 -7.22 -19.34 32.02
C LEU C 65 -7.09 -18.60 33.33
N LEU C 66 -8.18 -18.59 34.09
CA LEU C 66 -8.20 -17.84 35.33
C LEU C 66 -7.03 -18.22 36.21
N VAL C 67 -6.83 -19.51 36.44
CA VAL C 67 -5.74 -19.94 37.29
C VAL C 67 -4.41 -19.41 36.77
N TYR C 68 -4.15 -19.66 35.49
CA TYR C 68 -2.90 -19.22 34.88
C TYR C 68 -2.68 -17.72 35.02
N HIS C 69 -3.75 -16.94 34.81
CA HIS C 69 -3.64 -15.51 34.93
C HIS C 69 -3.29 -15.12 36.36
N ALA C 70 -4.06 -15.64 37.31
CA ALA C 70 -3.82 -15.38 38.72
C ALA C 70 -2.38 -15.68 39.12
N ASP C 71 -1.80 -16.74 38.56
CA ASP C 71 -0.41 -17.06 38.88
C ASP C 71 0.52 -15.95 38.42
N SER C 72 0.23 -15.38 37.24
CA SER C 72 1.08 -14.31 36.74
C SER C 72 0.91 -13.10 37.64
N LEU C 73 -0.34 -12.82 38.01
CA LEU C 73 -0.62 -11.73 38.94
C LEU C 73 0.11 -11.97 40.26
N PHE C 74 0.41 -13.23 40.54
CA PHE C 74 1.07 -13.62 41.77
C PHE C 74 2.60 -13.51 41.66
N HIS C 75 3.14 -13.79 40.48
CA HIS C 75 4.57 -13.63 40.23
C HIS C 75 4.94 -12.15 40.26
N ASP C 76 4.31 -11.38 39.38
CA ASP C 76 4.21 -9.96 39.63
C ASP C 76 3.53 -10.03 40.97
N LYS C 77 3.80 -9.08 41.86
CA LYS C 77 3.31 -9.24 43.23
C LYS C 77 2.01 -8.46 43.48
N GLU C 78 0.98 -8.80 42.72
CA GLU C 78 -0.32 -8.15 42.86
C GLU C 78 -1.28 -9.12 43.54
N TYR C 79 -1.18 -9.16 44.86
CA TYR C 79 -1.86 -10.19 45.63
C TYR C 79 -3.36 -9.97 45.70
N ARG C 80 -3.82 -8.76 45.98
CA ARG C 80 -5.25 -8.52 46.01
C ARG C 80 -5.85 -9.00 44.69
N ASN C 81 -5.22 -8.63 43.59
CA ASN C 81 -5.75 -9.00 42.28
C ASN C 81 -5.70 -10.50 42.04
N ALA C 82 -4.62 -11.14 42.47
CA ALA C 82 -4.54 -12.59 42.40
C ALA C 82 -5.69 -13.22 43.18
N VAL C 83 -5.94 -12.70 44.39
CA VAL C 83 -7.00 -13.23 45.21
C VAL C 83 -8.31 -13.27 44.42
N SER C 84 -8.61 -12.18 43.74
CA SER C 84 -9.85 -12.09 42.96
C SER C 84 -9.91 -13.18 41.91
N LYS C 85 -8.84 -13.32 41.14
CA LYS C 85 -8.85 -14.27 40.05
C LYS C 85 -8.91 -15.69 40.59
N TYR C 86 -8.15 -15.94 41.65
CA TYR C 86 -8.19 -17.25 42.28
C TYR C 86 -9.59 -17.62 42.75
N THR C 87 -10.28 -16.68 43.38
CA THR C 87 -11.63 -16.98 43.88
C THR C 87 -12.64 -17.18 42.74
N MET C 88 -12.45 -16.46 41.64
CA MET C 88 -13.30 -16.67 40.48
C MET C 88 -13.03 -18.08 39.93
N ALA C 89 -11.77 -18.48 39.95
CA ALA C 89 -11.40 -19.82 39.50
C ALA C 89 -12.19 -20.87 40.28
N LEU C 90 -11.98 -20.93 41.59
CA LEU C 90 -12.69 -21.87 42.44
C LEU C 90 -14.20 -21.75 42.25
N GLN C 91 -14.68 -20.52 42.12
CA GLN C 91 -16.10 -20.28 41.95
C GLN C 91 -16.56 -20.99 40.67
N GLN C 92 -15.66 -21.08 39.71
CA GLN C 92 -15.96 -21.71 38.43
C GLN C 92 -15.82 -23.23 38.52
N LYS C 93 -14.73 -23.69 39.12
CA LYS C 93 -14.50 -25.11 39.25
C LYS C 93 -15.63 -25.83 39.96
N LYS C 94 -16.61 -25.07 40.45
CA LYS C 94 -17.74 -25.67 41.14
C LYS C 94 -18.90 -25.95 40.20
N ALA C 95 -18.88 -25.32 39.03
CA ALA C 95 -19.87 -25.60 38.00
C ALA C 95 -19.60 -26.98 37.44
N LEU C 96 -18.31 -27.34 37.40
CA LEU C 96 -17.89 -28.63 36.87
C LEU C 96 -18.26 -29.77 37.83
N CYS C 117 -4.32 -31.87 31.86
CA CYS C 117 -5.62 -31.29 32.20
C CYS C 117 -5.52 -30.19 33.25
N LEU C 118 -6.53 -30.10 34.12
CA LEU C 118 -6.70 -28.93 34.98
C LEU C 118 -5.79 -28.90 36.21
N PRO C 119 -5.45 -27.69 36.67
CA PRO C 119 -4.67 -27.52 37.89
C PRO C 119 -5.47 -27.93 39.14
N SER C 120 -4.77 -28.55 40.10
CA SER C 120 -5.39 -29.06 41.30
C SER C 120 -6.10 -27.99 42.10
N GLU C 121 -7.38 -28.22 42.39
CA GLU C 121 -8.16 -27.29 43.21
C GLU C 121 -7.47 -27.04 44.55
N ILE C 122 -6.80 -28.07 45.06
CA ILE C 122 -6.05 -27.95 46.31
C ILE C 122 -4.85 -27.03 46.16
N GLU C 123 -4.21 -27.07 45.00
CA GLU C 123 -3.05 -26.21 44.75
C GLU C 123 -3.47 -24.75 44.64
N VAL C 124 -4.61 -24.50 43.99
CA VAL C 124 -5.14 -23.16 43.93
C VAL C 124 -5.37 -22.66 45.35
N LYS C 125 -6.18 -23.39 46.11
CA LYS C 125 -6.47 -23.00 47.47
C LYS C 125 -5.20 -22.65 48.23
N TYR C 126 -4.14 -23.41 47.99
CA TYR C 126 -2.86 -23.10 48.62
C TYR C 126 -2.39 -21.71 48.20
N LYS C 127 -2.16 -21.53 46.90
CA LYS C 127 -1.72 -20.24 46.39
C LYS C 127 -2.59 -19.12 46.95
N LEU C 128 -3.90 -19.39 47.00
CA LEU C 128 -4.85 -18.43 47.51
C LEU C 128 -4.50 -18.07 48.94
N ALA C 129 -4.19 -19.08 49.74
CA ALA C 129 -3.84 -18.85 51.13
C ALA C 129 -2.52 -18.10 51.21
N GLU C 130 -1.64 -18.34 50.24
CA GLU C 130 -0.36 -17.64 50.21
C GLU C 130 -0.57 -16.14 50.03
N CYS C 131 -1.56 -15.79 49.22
CA CYS C 131 -1.88 -14.39 48.98
C CYS C 131 -2.39 -13.76 50.26
N TYR C 132 -3.40 -14.41 50.85
CA TYR C 132 -3.98 -13.90 52.07
C TYR C 132 -2.89 -13.71 53.10
N THR C 133 -1.98 -14.67 53.18
CA THR C 133 -0.93 -14.59 54.17
C THR C 133 -0.08 -13.34 53.96
N VAL C 134 0.50 -13.20 52.78
CA VAL C 134 1.32 -12.04 52.49
C VAL C 134 0.55 -10.75 52.77
N LEU C 135 -0.74 -10.75 52.45
CA LEU C 135 -1.60 -9.59 52.70
C LEU C 135 -1.93 -9.44 54.17
N LYS C 136 -1.58 -10.45 54.96
CA LYS C 136 -1.85 -10.45 56.38
C LYS C 136 -3.34 -10.58 56.71
N GLN C 137 -4.10 -11.14 55.78
CA GLN C 137 -5.49 -11.51 56.05
C GLN C 137 -5.53 -12.93 56.59
N ASP C 138 -4.98 -13.12 57.78
CA ASP C 138 -4.82 -14.45 58.36
C ASP C 138 -6.14 -15.20 58.41
N LYS C 139 -7.19 -14.54 58.87
CA LYS C 139 -8.51 -15.17 58.99
C LYS C 139 -8.93 -15.80 57.67
N ASP C 140 -8.69 -15.08 56.57
CA ASP C 140 -9.06 -15.58 55.25
C ASP C 140 -8.16 -16.72 54.79
N ALA C 141 -6.88 -16.64 55.15
CA ALA C 141 -5.95 -17.71 54.80
C ALA C 141 -6.35 -18.97 55.55
N ILE C 142 -6.57 -18.84 56.85
CA ILE C 142 -6.95 -19.97 57.66
C ILE C 142 -8.22 -20.59 57.10
N ALA C 143 -9.23 -19.76 56.84
CA ALA C 143 -10.54 -20.27 56.42
C ALA C 143 -10.42 -21.14 55.18
N ILE C 144 -9.61 -20.72 54.21
CA ILE C 144 -9.58 -21.46 52.97
C ILE C 144 -8.83 -22.78 53.12
N LEU C 145 -7.79 -22.78 53.94
CA LEU C 145 -7.07 -24.00 54.20
C LEU C 145 -7.91 -24.91 55.07
N ASP C 146 -8.42 -24.37 56.18
CA ASP C 146 -9.23 -25.18 57.09
C ASP C 146 -10.32 -25.92 56.32
N GLY C 147 -10.80 -25.29 55.25
CA GLY C 147 -11.91 -25.83 54.48
C GLY C 147 -11.55 -27.04 53.63
N ILE C 148 -10.26 -27.39 53.60
CA ILE C 148 -9.84 -28.61 52.93
C ILE C 148 -9.88 -29.80 53.88
N PRO C 149 -10.56 -30.89 53.47
CA PRO C 149 -10.62 -32.07 54.31
C PRO C 149 -9.22 -32.46 54.79
N SER C 150 -9.10 -32.79 56.07
CA SER C 150 -7.79 -33.10 56.65
C SER C 150 -7.07 -34.21 55.87
N ARG C 151 -7.82 -35.25 55.52
CA ARG C 151 -7.28 -36.35 54.73
C ARG C 151 -6.50 -35.87 53.50
N GLN C 152 -6.88 -34.71 52.97
CA GLN C 152 -6.32 -34.24 51.71
C GLN C 152 -5.30 -33.12 51.86
N ARG C 153 -4.91 -32.83 53.11
CA ARG C 153 -4.00 -31.71 53.35
C ARG C 153 -2.54 -32.12 53.23
N THR C 154 -1.84 -31.51 52.27
CA THR C 154 -0.43 -31.81 52.04
C THR C 154 0.44 -31.19 53.13
N PRO C 155 1.68 -31.69 53.26
CA PRO C 155 2.64 -31.12 54.21
C PRO C 155 2.71 -29.59 54.11
N LYS C 156 2.86 -29.07 52.90
CA LYS C 156 2.87 -27.63 52.68
C LYS C 156 1.70 -26.97 53.40
N ILE C 157 0.50 -27.47 53.15
CA ILE C 157 -0.70 -26.89 53.70
C ILE C 157 -0.69 -26.93 55.22
N ASN C 158 -0.34 -28.09 55.77
CA ASN C 158 -0.29 -28.27 57.21
C ASN C 158 0.69 -27.29 57.87
N MET C 159 1.78 -27.00 57.16
CA MET C 159 2.75 -26.05 57.68
C MET C 159 2.19 -24.64 57.68
N LEU C 160 1.66 -24.20 56.53
CA LEU C 160 1.06 -22.88 56.49
C LEU C 160 0.11 -22.74 57.68
N LEU C 161 -0.83 -23.67 57.80
CA LEU C 161 -1.77 -23.65 58.92
C LEU C 161 -1.05 -23.51 60.26
N ALA C 162 -0.10 -24.39 60.53
CA ALA C 162 0.64 -24.34 61.78
C ALA C 162 1.18 -22.93 62.01
N ASN C 163 1.90 -22.42 61.02
CA ASN C 163 2.43 -21.07 61.09
C ASN C 163 1.33 -20.07 61.45
N LEU C 164 0.21 -20.15 60.74
CA LEU C 164 -0.88 -19.20 60.93
C LEU C 164 -1.53 -19.34 62.31
N TYR C 165 -1.27 -20.46 62.98
CA TYR C 165 -1.90 -20.68 64.28
C TYR C 165 -1.11 -20.10 65.45
N LYS C 166 0.06 -19.54 65.17
CA LYS C 166 0.88 -18.93 66.22
C LYS C 166 0.64 -17.41 66.33
N ASN D 22 -9.57 15.60 -16.43
CA ASN D 22 -8.56 14.82 -15.68
C ASN D 22 -7.17 14.92 -16.31
N VAL D 23 -7.12 15.13 -17.62
CA VAL D 23 -5.86 15.28 -18.33
C VAL D 23 -5.18 16.60 -18.00
N ILE D 24 -5.97 17.64 -17.78
CA ILE D 24 -5.42 18.94 -17.45
C ILE D 24 -4.53 18.84 -16.21
N ASP D 25 -5.00 18.15 -15.19
CA ASP D 25 -4.22 17.97 -13.98
C ASP D 25 -2.78 17.58 -14.35
N HIS D 26 -2.65 16.42 -14.96
CA HIS D 26 -1.33 15.88 -15.29
C HIS D 26 -0.50 16.83 -16.15
N VAL D 27 -1.16 17.81 -16.78
CA VAL D 27 -0.46 18.86 -17.49
C VAL D 27 0.08 19.86 -16.47
N ARG D 28 -0.59 19.91 -15.32
CA ARG D 28 -0.19 20.80 -14.24
C ARG D 28 1.14 20.34 -13.66
N ASP D 29 1.16 19.09 -13.18
CA ASP D 29 2.38 18.50 -12.64
C ASP D 29 3.51 18.64 -13.66
N MET D 30 3.27 18.13 -14.86
CA MET D 30 4.29 18.15 -15.91
C MET D 30 5.05 19.47 -15.84
N ALA D 31 4.33 20.56 -15.60
CA ALA D 31 4.94 21.88 -15.49
C ALA D 31 5.92 21.91 -14.33
N ALA D 32 5.46 21.47 -13.17
CA ALA D 32 6.29 21.44 -11.97
C ALA D 32 7.69 20.86 -11.99
N ALA D 33 7.80 19.54 -12.10
CA ALA D 33 9.07 18.88 -12.34
C ALA D 33 9.31 18.65 -13.82
N GLY D 34 8.30 18.08 -14.48
CA GLY D 34 8.39 17.73 -15.90
C GLY D 34 8.92 18.81 -16.82
N LEU D 35 9.36 18.41 -18.01
CA LEU D 35 9.99 19.33 -18.93
C LEU D 35 8.96 20.06 -19.80
N HIS D 36 9.36 21.23 -20.26
CA HIS D 36 8.47 22.21 -20.85
C HIS D 36 8.22 21.88 -22.31
N SER D 37 9.18 21.23 -22.93
CA SER D 37 8.96 20.72 -24.28
C SER D 37 7.61 20.01 -24.33
N ASN D 38 7.40 19.08 -23.40
CA ASN D 38 6.14 18.36 -23.34
C ASN D 38 4.93 19.27 -23.17
N VAL D 39 4.89 20.03 -22.08
CA VAL D 39 3.72 20.86 -21.79
C VAL D 39 3.38 21.79 -22.96
N ARG D 40 4.40 22.20 -23.71
CA ARG D 40 4.18 23.08 -24.85
C ARG D 40 3.29 22.38 -25.87
N LEU D 41 3.70 21.18 -26.29
CA LEU D 41 2.94 20.42 -27.27
C LEU D 41 1.57 20.03 -26.76
N LEU D 42 1.55 19.49 -25.55
CA LEU D 42 0.33 19.00 -24.94
C LEU D 42 -0.71 20.11 -24.77
N SER D 43 -0.31 21.21 -24.14
CA SER D 43 -1.26 22.27 -23.84
C SER D 43 -1.78 22.92 -25.11
N SER D 44 -0.91 23.00 -26.12
CA SER D 44 -1.32 23.52 -27.42
C SER D 44 -2.35 22.60 -28.06
N LEU D 45 -2.05 21.30 -28.07
CA LEU D 45 -2.95 20.33 -28.65
C LEU D 45 -4.31 20.38 -27.97
N LEU D 46 -4.30 20.53 -26.65
CA LEU D 46 -5.53 20.61 -25.89
C LEU D 46 -6.32 21.84 -26.29
N LEU D 47 -5.62 22.97 -26.40
CA LEU D 47 -6.27 24.20 -26.84
C LEU D 47 -6.99 24.02 -28.17
N THR D 48 -6.26 23.60 -29.19
CA THR D 48 -6.84 23.46 -30.51
C THR D 48 -7.99 22.47 -30.48
N LEU D 49 -7.97 21.58 -29.49
CA LEU D 49 -9.05 20.60 -29.35
C LEU D 49 -10.27 21.21 -28.68
N SER D 50 -10.02 22.02 -27.65
CA SER D 50 -11.09 22.70 -26.94
C SER D 50 -11.88 23.56 -27.91
N ASN D 51 -11.15 24.28 -28.75
CA ASN D 51 -11.74 25.20 -29.72
C ASN D 51 -12.58 24.52 -30.79
N ASN D 52 -12.36 23.22 -31.00
CA ASN D 52 -13.16 22.47 -31.97
C ASN D 52 -14.36 21.81 -31.32
N ASN D 53 -14.23 21.49 -30.04
CA ASN D 53 -15.35 21.05 -29.23
C ASN D 53 -15.50 21.95 -28.00
N PRO D 54 -16.27 23.04 -28.15
CA PRO D 54 -16.48 24.02 -27.10
C PRO D 54 -17.11 23.41 -25.83
N GLU D 55 -17.46 22.13 -25.89
CA GLU D 55 -18.07 21.48 -24.74
C GLU D 55 -17.22 20.35 -24.21
N LEU D 56 -16.10 20.09 -24.87
CA LEU D 56 -15.15 19.10 -24.39
C LEU D 56 -14.73 19.47 -22.96
N PHE D 57 -14.24 20.69 -22.79
CA PHE D 57 -13.83 21.18 -21.48
C PHE D 57 -14.82 22.20 -20.93
N SER D 58 -14.80 22.39 -19.62
CA SER D 58 -15.66 23.38 -18.98
C SER D 58 -14.97 24.73 -18.91
N PRO D 59 -15.73 25.80 -18.63
CA PRO D 59 -15.08 27.10 -18.45
C PRO D 59 -13.90 27.04 -17.48
N PRO D 60 -14.14 26.66 -16.21
CA PRO D 60 -13.00 26.64 -15.31
C PRO D 60 -11.80 25.93 -15.93
N GLN D 61 -12.06 24.84 -16.64
CA GLN D 61 -10.99 24.07 -17.27
C GLN D 61 -10.29 24.87 -18.35
N LYS D 62 -11.05 25.44 -19.27
CA LYS D 62 -10.46 26.25 -20.33
C LYS D 62 -9.52 27.27 -19.71
N TYR D 63 -9.92 27.81 -18.56
CA TYR D 63 -9.12 28.81 -17.88
C TYR D 63 -7.75 28.25 -17.48
N GLN D 64 -7.76 27.12 -16.78
CA GLN D 64 -6.53 26.46 -16.36
C GLN D 64 -5.63 26.17 -17.54
N LEU D 65 -6.20 25.59 -18.59
CA LEU D 65 -5.45 25.24 -19.77
C LEU D 65 -4.79 26.49 -20.38
N LEU D 66 -5.57 27.56 -20.53
CA LEU D 66 -5.02 28.80 -21.04
C LEU D 66 -3.84 29.24 -20.18
N VAL D 67 -4.02 29.26 -18.86
CA VAL D 67 -2.96 29.70 -17.98
C VAL D 67 -1.73 28.82 -18.16
N TYR D 68 -1.93 27.51 -18.13
CA TYR D 68 -0.82 26.60 -18.23
C TYR D 68 -0.09 26.76 -19.56
N HIS D 69 -0.84 26.94 -20.63
CA HIS D 69 -0.23 27.14 -21.93
C HIS D 69 0.59 28.44 -21.97
N ALA D 70 0.02 29.49 -21.38
CA ALA D 70 0.72 30.76 -21.28
C ALA D 70 2.05 30.56 -20.57
N ASP D 71 1.99 29.90 -19.41
CA ASP D 71 3.20 29.63 -18.64
C ASP D 71 4.27 29.05 -19.55
N SER D 72 3.89 28.06 -20.34
CA SER D 72 4.83 27.42 -21.25
C SER D 72 5.25 28.39 -22.34
N LEU D 73 4.30 29.21 -22.78
CA LEU D 73 4.61 30.26 -23.76
C LEU D 73 5.50 31.32 -23.17
N PHE D 74 5.65 31.31 -21.85
CA PHE D 74 6.45 32.32 -21.18
C PHE D 74 7.85 31.77 -20.90
N HIS D 75 7.90 30.52 -20.45
CA HIS D 75 9.16 29.85 -20.19
C HIS D 75 9.96 29.76 -21.47
N ASP D 76 9.32 29.25 -22.51
CA ASP D 76 9.80 29.42 -23.87
C ASP D 76 9.58 30.91 -23.94
N LYS D 77 10.64 31.68 -24.15
CA LYS D 77 10.52 33.13 -24.15
C LYS D 77 9.75 33.68 -25.37
N GLU D 78 8.51 33.25 -25.51
CA GLU D 78 7.58 33.87 -26.45
C GLU D 78 6.63 34.77 -25.67
N TYR D 79 7.07 36.00 -25.42
CA TYR D 79 6.37 36.90 -24.50
C TYR D 79 5.09 37.52 -25.06
N ARG D 80 5.10 37.98 -26.30
CA ARG D 80 3.87 38.50 -26.89
C ARG D 80 2.77 37.44 -26.87
N ASN D 81 3.09 36.24 -27.31
CA ASN D 81 2.12 35.15 -27.26
C ASN D 81 1.59 34.84 -25.85
N ALA D 82 2.46 34.89 -24.86
CA ALA D 82 2.04 34.66 -23.49
C ALA D 82 1.04 35.73 -23.09
N VAL D 83 1.28 36.95 -23.52
CA VAL D 83 0.34 38.03 -23.25
C VAL D 83 -1.04 37.71 -23.82
N SER D 84 -1.09 37.22 -25.05
CA SER D 84 -2.36 36.85 -25.65
C SER D 84 -3.12 35.85 -24.78
N LYS D 85 -2.44 34.75 -24.45
CA LYS D 85 -3.06 33.67 -23.70
C LYS D 85 -3.47 34.09 -22.30
N TYR D 86 -2.58 34.78 -21.58
CA TYR D 86 -2.92 35.26 -20.25
C TYR D 86 -4.15 36.15 -20.30
N THR D 87 -4.19 37.01 -21.31
CA THR D 87 -5.28 37.97 -21.44
C THR D 87 -6.61 37.25 -21.65
N MET D 88 -6.61 36.28 -22.57
CA MET D 88 -7.79 35.46 -22.79
C MET D 88 -8.18 34.74 -21.51
N ALA D 89 -7.19 34.16 -20.84
CA ALA D 89 -7.43 33.50 -19.56
C ALA D 89 -8.19 34.44 -18.63
N LEU D 90 -7.69 35.67 -18.49
CA LEU D 90 -8.32 36.67 -17.62
C LEU D 90 -9.78 36.92 -17.99
N GLN D 91 -10.09 36.86 -19.28
CA GLN D 91 -11.46 37.00 -19.74
C GLN D 91 -12.28 35.84 -19.22
N GLN D 92 -11.80 34.63 -19.49
CA GLN D 92 -12.50 33.44 -19.04
C GLN D 92 -12.75 33.49 -17.54
N LYS D 93 -11.73 33.91 -16.79
CA LYS D 93 -11.84 33.98 -15.34
C LYS D 93 -12.98 34.90 -14.92
N LYS D 94 -13.06 36.07 -15.56
CA LYS D 94 -14.07 37.06 -15.22
C LYS D 94 -15.48 36.52 -15.43
N ALA D 95 -15.63 35.58 -16.36
CA ALA D 95 -16.94 35.03 -16.68
C ALA D 95 -17.20 33.67 -16.03
N LEU D 96 -16.64 33.44 -14.85
CA LEU D 96 -16.90 32.19 -14.12
C LEU D 96 -17.92 32.41 -13.01
N LEU D 118 -7.77 26.35 -9.17
CA LEU D 118 -7.68 27.35 -10.22
C LEU D 118 -6.53 28.32 -9.96
N PRO D 119 -5.71 28.58 -10.98
CA PRO D 119 -4.70 29.64 -10.89
C PRO D 119 -5.32 30.94 -10.38
N SER D 120 -4.67 31.58 -9.42
CA SER D 120 -5.19 32.81 -8.85
C SER D 120 -5.20 33.93 -9.87
N GLU D 121 -6.31 34.66 -9.91
CA GLU D 121 -6.42 35.82 -10.80
C GLU D 121 -5.23 36.74 -10.60
N ILE D 122 -4.75 36.84 -9.37
CA ILE D 122 -3.66 37.75 -9.05
C ILE D 122 -2.31 37.30 -9.61
N GLU D 123 -1.98 36.04 -9.38
CA GLU D 123 -0.72 35.49 -9.86
C GLU D 123 -0.66 35.61 -11.38
N VAL D 124 -1.81 35.54 -12.03
CA VAL D 124 -1.88 35.65 -13.48
C VAL D 124 -1.60 37.08 -13.93
N LYS D 125 -2.27 38.04 -13.29
CA LYS D 125 -2.04 39.43 -13.63
C LYS D 125 -0.55 39.74 -13.52
N TYR D 126 0.09 39.19 -12.48
CA TYR D 126 1.53 39.34 -12.31
C TYR D 126 2.31 38.83 -13.53
N LYS D 127 2.18 37.54 -13.82
CA LYS D 127 2.92 36.94 -14.93
C LYS D 127 2.70 37.74 -16.21
N LEU D 128 1.49 38.27 -16.36
CA LEU D 128 1.17 39.09 -17.53
C LEU D 128 1.93 40.40 -17.49
N ALA D 129 2.23 40.87 -16.28
CA ALA D 129 2.98 42.11 -16.13
C ALA D 129 4.47 41.86 -16.34
N GLU D 130 4.93 40.66 -15.98
CA GLU D 130 6.31 40.28 -16.22
C GLU D 130 6.58 40.34 -17.71
N CYS D 131 5.64 39.79 -18.49
CA CYS D 131 5.74 39.77 -19.94
C CYS D 131 5.84 41.19 -20.50
N TYR D 132 4.78 41.96 -20.32
CA TYR D 132 4.76 43.35 -20.77
C TYR D 132 6.09 44.02 -20.45
N THR D 133 6.66 43.69 -19.30
CA THR D 133 7.89 44.35 -18.87
C THR D 133 9.08 43.93 -19.71
N VAL D 134 9.19 42.64 -19.99
CA VAL D 134 10.29 42.16 -20.84
C VAL D 134 10.16 42.80 -22.22
N LEU D 135 8.93 42.99 -22.67
CA LEU D 135 8.64 43.61 -23.95
C LEU D 135 8.81 45.13 -23.89
N LYS D 136 9.23 45.63 -22.73
CA LYS D 136 9.38 47.06 -22.54
C LYS D 136 8.11 47.81 -22.89
N GLN D 137 6.96 47.21 -22.62
CA GLN D 137 5.71 47.93 -22.52
C GLN D 137 5.38 48.27 -21.06
N ASP D 138 6.20 49.14 -20.47
CA ASP D 138 6.00 49.54 -19.08
C ASP D 138 4.56 50.02 -18.85
N LYS D 139 4.07 50.84 -19.76
CA LYS D 139 2.81 51.55 -19.56
C LYS D 139 1.63 50.56 -19.49
N ASP D 140 1.71 49.50 -20.28
CA ASP D 140 0.72 48.43 -20.22
C ASP D 140 0.95 47.54 -19.00
N ALA D 141 2.20 47.47 -18.54
CA ALA D 141 2.52 46.72 -17.33
C ALA D 141 1.90 47.39 -16.13
N ILE D 142 2.27 48.66 -15.90
CA ILE D 142 1.72 49.44 -14.81
C ILE D 142 0.20 49.34 -14.78
N ALA D 143 -0.43 49.68 -15.91
CA ALA D 143 -1.88 49.69 -16.02
C ALA D 143 -2.53 48.50 -15.31
N ILE D 144 -2.21 47.30 -15.80
CA ILE D 144 -2.75 46.06 -15.23
C ILE D 144 -2.58 46.03 -13.72
N LEU D 145 -1.36 46.25 -13.25
CA LEU D 145 -1.07 46.20 -11.82
C LEU D 145 -1.88 47.22 -11.03
N ASP D 146 -2.18 48.36 -11.66
CA ASP D 146 -2.96 49.39 -11.01
C ASP D 146 -4.38 48.90 -10.70
N GLY D 147 -4.93 48.10 -11.61
CA GLY D 147 -6.27 47.55 -11.44
C GLY D 147 -6.35 46.49 -10.36
N ILE D 148 -5.44 46.57 -9.39
CA ILE D 148 -5.41 45.65 -8.27
C ILE D 148 -5.41 46.42 -6.97
N PRO D 149 -6.49 46.29 -6.19
CA PRO D 149 -6.49 46.91 -4.87
C PRO D 149 -5.18 46.58 -4.15
N SER D 150 -4.51 47.60 -3.61
CA SER D 150 -3.21 47.41 -2.99
C SER D 150 -3.29 46.56 -1.71
N ARG D 151 -4.51 46.26 -1.28
CA ARG D 151 -4.71 45.36 -0.15
C ARG D 151 -4.53 43.90 -0.56
N GLN D 152 -4.12 43.68 -1.80
CA GLN D 152 -3.89 42.33 -2.32
C GLN D 152 -2.68 42.32 -3.23
N ARG D 153 -1.50 42.49 -2.67
CA ARG D 153 -0.30 42.56 -3.49
C ARG D 153 0.93 41.91 -2.86
N THR D 154 1.31 40.75 -3.38
CA THR D 154 2.47 40.01 -2.90
C THR D 154 3.73 40.87 -3.02
N PRO D 155 4.73 40.61 -2.15
CA PRO D 155 6.00 41.31 -2.22
C PRO D 155 6.64 41.21 -3.61
N LYS D 156 6.16 40.27 -4.42
CA LYS D 156 6.60 40.16 -5.80
C LYS D 156 6.09 41.36 -6.59
N ILE D 157 4.87 41.79 -6.29
CA ILE D 157 4.24 42.91 -6.98
C ILE D 157 4.80 44.25 -6.51
N ASN D 158 4.89 44.43 -5.20
CA ASN D 158 5.49 45.63 -4.65
C ASN D 158 6.85 45.88 -5.28
N MET D 159 7.69 44.85 -5.26
CA MET D 159 9.04 44.94 -5.80
C MET D 159 9.04 45.28 -7.29
N LEU D 160 8.00 44.88 -8.00
CA LEU D 160 7.98 45.06 -9.46
C LEU D 160 7.43 46.41 -9.90
N LEU D 161 6.79 47.13 -8.99
CA LEU D 161 6.29 48.46 -9.30
C LEU D 161 7.34 49.52 -8.97
N ALA D 162 8.38 49.12 -8.27
CA ALA D 162 9.51 50.00 -8.00
C ALA D 162 10.28 50.22 -9.29
N ASN D 163 10.41 49.15 -10.09
CA ASN D 163 11.13 49.22 -11.35
C ASN D 163 10.40 50.09 -12.37
N LEU D 164 9.07 50.04 -12.34
CA LEU D 164 8.27 50.88 -13.21
C LEU D 164 8.00 52.22 -12.52
N TYR D 165 7.88 53.28 -13.31
CA TYR D 165 7.72 54.64 -12.78
C TYR D 165 9.02 55.43 -12.88
#